data_1D82
# 
_entry.id   1D82 
# 
_audit_conform.dict_name       mmcif_pdbx.dic 
_audit_conform.dict_version    5.385 
_audit_conform.dict_location   http://mmcif.pdb.org/dictionaries/ascii/mmcif_pdbx.dic 
# 
loop_
_database_2.database_id 
_database_2.database_code 
_database_2.pdbx_database_accession 
_database_2.pdbx_DOI 
PDB   1D82         pdb_00001d82 10.2210/pdb1d82/pdb 
RCSB  ADH041       ?            ?                   
WWPDB D_1000172680 ?            ?                   
# 
loop_
_pdbx_audit_revision_history.ordinal 
_pdbx_audit_revision_history.data_content_type 
_pdbx_audit_revision_history.major_revision 
_pdbx_audit_revision_history.minor_revision 
_pdbx_audit_revision_history.revision_date 
1 'Structure model' 1 0 1992-10-15 
2 'Structure model' 1 1 2008-05-22 
3 'Structure model' 1 2 2011-07-13 
4 'Structure model' 1 3 2024-02-07 
# 
_pdbx_audit_revision_details.ordinal             1 
_pdbx_audit_revision_details.revision_ordinal    1 
_pdbx_audit_revision_details.data_content_type   'Structure model' 
_pdbx_audit_revision_details.provider            repository 
_pdbx_audit_revision_details.type                'Initial release' 
_pdbx_audit_revision_details.description         ? 
_pdbx_audit_revision_details.details             ? 
# 
loop_
_pdbx_audit_revision_group.ordinal 
_pdbx_audit_revision_group.revision_ordinal 
_pdbx_audit_revision_group.data_content_type 
_pdbx_audit_revision_group.group 
1 2 'Structure model' 'Version format compliance' 
2 3 'Structure model' 'Version format compliance' 
3 4 'Structure model' 'Data collection'           
4 4 'Structure model' 'Database references'       
# 
loop_
_pdbx_audit_revision_category.ordinal 
_pdbx_audit_revision_category.revision_ordinal 
_pdbx_audit_revision_category.data_content_type 
_pdbx_audit_revision_category.category 
1 4 'Structure model' chem_comp_atom 
2 4 'Structure model' chem_comp_bond 
3 4 'Structure model' database_2     
# 
loop_
_pdbx_audit_revision_item.ordinal 
_pdbx_audit_revision_item.revision_ordinal 
_pdbx_audit_revision_item.data_content_type 
_pdbx_audit_revision_item.item 
1 4 'Structure model' '_database_2.pdbx_DOI'                
2 4 'Structure model' '_database_2.pdbx_database_accession' 
# 
_pdbx_database_status.status_code                     REL 
_pdbx_database_status.entry_id                        1D82 
_pdbx_database_status.recvd_initial_deposition_date   1992-06-29 
_pdbx_database_status.deposit_site                    BNL 
_pdbx_database_status.process_site                    NDB 
_pdbx_database_status.SG_entry                        . 
_pdbx_database_status.pdb_format_compatible           Y 
_pdbx_database_status.status_code_mr                  ? 
_pdbx_database_status.status_code_sf                  ? 
_pdbx_database_status.status_code_cs                  ? 
_pdbx_database_status.status_code_nmr_data            ? 
_pdbx_database_status.methods_development_category    ? 
# 
loop_
_audit_author.name 
_audit_author.pdbx_ordinal 
'Cervi, A.'                1 
;Langlois D'Estaintot, B.
;
2 
'Hunter, W.N.'             3 
# 
_citation.id                        primary 
_citation.title                     'Crystal and Molecular Structure of d(GTCTAGAC)' 
_citation.journal_abbrev            'Acta Crystallogr.,Sect.B' 
_citation.journal_volume            48 
_citation.page_first                714 
_citation.page_last                 719 
_citation.year                      1992 
_citation.journal_id_ASTM           ASBSDK 
_citation.country                   DK 
_citation.journal_id_ISSN           0108-7681 
_citation.journal_id_CSD            0622 
_citation.book_publisher            ? 
_citation.pdbx_database_id_PubMed   -1 
_citation.pdbx_database_id_DOI      ? 
# 
loop_
_citation_author.citation_id 
_citation_author.name 
_citation_author.ordinal 
_citation_author.identifier_ORCID 
primary 'Cervi, A.'                1 ? 
primary 
;Langlois D'Estaintot, B.
;
2 ? 
primary 'Hunter, W.N.'             3 ? 
# 
loop_
_entity.id 
_entity.type 
_entity.src_method 
_entity.pdbx_description 
_entity.formula_weight 
_entity.pdbx_number_of_molecules 
_entity.pdbx_ec 
_entity.pdbx_mutation 
_entity.pdbx_fragment 
_entity.details 
1 polymer syn 
;DNA (5'-D(*GP*TP*CP*TP*AP*GP*AP*C)-3')
;
2426.617 1 ? ? ? ? 
2 water   nat water                                    18.015   3 ? ? ? ? 
# 
_entity_poly.entity_id                      1 
_entity_poly.type                           polydeoxyribonucleotide 
_entity_poly.nstd_linkage                   no 
_entity_poly.nstd_monomer                   no 
_entity_poly.pdbx_seq_one_letter_code       '(DG)(DT)(DC)(DT)(DA)(DG)(DA)(DC)' 
_entity_poly.pdbx_seq_one_letter_code_can   GTCTAGAC 
_entity_poly.pdbx_strand_id                 A 
_entity_poly.pdbx_target_identifier         ? 
# 
_pdbx_entity_nonpoly.entity_id   2 
_pdbx_entity_nonpoly.name        water 
_pdbx_entity_nonpoly.comp_id     HOH 
# 
loop_
_entity_poly_seq.entity_id 
_entity_poly_seq.num 
_entity_poly_seq.mon_id 
_entity_poly_seq.hetero 
1 1 DG n 
1 2 DT n 
1 3 DC n 
1 4 DT n 
1 5 DA n 
1 6 DG n 
1 7 DA n 
1 8 DC n 
# 
loop_
_chem_comp.id 
_chem_comp.type 
_chem_comp.mon_nstd_flag 
_chem_comp.name 
_chem_comp.pdbx_synonyms 
_chem_comp.formula 
_chem_comp.formula_weight 
DA  'DNA linking' y "2'-DEOXYADENOSINE-5'-MONOPHOSPHATE" ? 'C10 H14 N5 O6 P' 331.222 
DC  'DNA linking' y "2'-DEOXYCYTIDINE-5'-MONOPHOSPHATE"  ? 'C9 H14 N3 O7 P'  307.197 
DG  'DNA linking' y "2'-DEOXYGUANOSINE-5'-MONOPHOSPHATE" ? 'C10 H14 N5 O7 P' 347.221 
DT  'DNA linking' y "THYMIDINE-5'-MONOPHOSPHATE"         ? 'C10 H15 N2 O8 P' 322.208 
HOH non-polymer   . WATER                                ? 'H2 O'            18.015  
# 
loop_
_pdbx_poly_seq_scheme.asym_id 
_pdbx_poly_seq_scheme.entity_id 
_pdbx_poly_seq_scheme.seq_id 
_pdbx_poly_seq_scheme.mon_id 
_pdbx_poly_seq_scheme.ndb_seq_num 
_pdbx_poly_seq_scheme.pdb_seq_num 
_pdbx_poly_seq_scheme.auth_seq_num 
_pdbx_poly_seq_scheme.pdb_mon_id 
_pdbx_poly_seq_scheme.auth_mon_id 
_pdbx_poly_seq_scheme.pdb_strand_id 
_pdbx_poly_seq_scheme.pdb_ins_code 
_pdbx_poly_seq_scheme.hetero 
A 1 1 DG 1 1 1 DG G A . n 
A 1 2 DT 2 2 2 DT T A . n 
A 1 3 DC 3 3 3 DC C A . n 
A 1 4 DT 4 4 4 DT T A . n 
A 1 5 DA 5 5 5 DA A A . n 
A 1 6 DG 6 6 6 DG G A . n 
A 1 7 DA 7 7 7 DA A A . n 
A 1 8 DC 8 8 8 DC C A . n 
# 
loop_
_pdbx_nonpoly_scheme.asym_id 
_pdbx_nonpoly_scheme.entity_id 
_pdbx_nonpoly_scheme.mon_id 
_pdbx_nonpoly_scheme.ndb_seq_num 
_pdbx_nonpoly_scheme.pdb_seq_num 
_pdbx_nonpoly_scheme.auth_seq_num 
_pdbx_nonpoly_scheme.pdb_mon_id 
_pdbx_nonpoly_scheme.auth_mon_id 
_pdbx_nonpoly_scheme.pdb_strand_id 
_pdbx_nonpoly_scheme.pdb_ins_code 
B 2 HOH 1 9  9  HOH HOH A . 
B 2 HOH 2 10 10 HOH HOH A . 
B 2 HOH 3 11 11 HOH HOH A . 
# 
_software.name             NUCLSQ 
_software.classification   refinement 
_software.version          . 
_software.citation_id      ? 
_software.pdbx_ordinal     1 
# 
_cell.entry_id           1D82 
_cell.length_a           42.560 
_cell.length_b           42.560 
_cell.length_c           24.610 
_cell.angle_alpha        90.00 
_cell.angle_beta         90.00 
_cell.angle_gamma        90.00 
_cell.Z_PDB              8 
_cell.pdbx_unique_axis   ? 
# 
_symmetry.entry_id                         1D82 
_symmetry.space_group_name_H-M             'P 43 21 2' 
_symmetry.pdbx_full_space_group_name_H-M   ? 
_symmetry.cell_setting                     ? 
_symmetry.Int_Tables_number                96 
# 
_exptl.entry_id          1D82 
_exptl.method            'X-RAY DIFFRACTION' 
_exptl.crystals_number   ? 
# 
_exptl_crystal.id                    1 
_exptl_crystal.density_meas          ? 
_exptl_crystal.density_Matthews      2.30 
_exptl_crystal.density_percent_sol   46.43 
_exptl_crystal.description           ? 
# 
_exptl_crystal_grow.crystal_id      1 
_exptl_crystal_grow.method          'VAPOR DIFFUSION' 
_exptl_crystal_grow.temp            295.00 
_exptl_crystal_grow.temp_details    ? 
_exptl_crystal_grow.pH              6.80 
_exptl_crystal_grow.pdbx_details    'pH 6.80, VAPOR DIFFUSION, temperature 295.00K' 
_exptl_crystal_grow.pdbx_pH_range   ? 
# 
loop_
_exptl_crystal_grow_comp.crystal_id 
_exptl_crystal_grow_comp.id 
_exptl_crystal_grow_comp.sol_id 
_exptl_crystal_grow_comp.name 
_exptl_crystal_grow_comp.volume 
_exptl_crystal_grow_comp.conc 
_exptl_crystal_grow_comp.details 
1 1 1 WATER           ? ? ? 
1 2 1 MPD             ? ? ? 
1 3 1 'NA CACODYLATE' ? ? ? 
1 4 1 MGCL2           ? ? ? 
1 5 1 SPERMINE_HCL    ? ? ? 
1 6 2 WATER           ? ? ? 
1 7 2 MPD             ? ? ? 
# 
_diffrn.id                     1 
_diffrn.ambient_temp           295.00 
_diffrn.ambient_temp_details   ? 
_diffrn.crystal_id             1 
# 
_diffrn_detector.diffrn_id              1 
_diffrn_detector.detector               DIFFRACTOMETER 
_diffrn_detector.type                   'RIGAKU AFC-5' 
_diffrn_detector.pdbx_collection_date   ? 
_diffrn_detector.details                ? 
# 
_diffrn_radiation.diffrn_id                        1 
_diffrn_radiation.wavelength_id                    1 
_diffrn_radiation.pdbx_monochromatic_or_laue_m_l   ? 
_diffrn_radiation.monochromator                    ? 
_diffrn_radiation.pdbx_diffrn_protocol             ? 
_diffrn_radiation.pdbx_scattering_type             x-ray 
# 
_diffrn_radiation_wavelength.id           1 
_diffrn_radiation_wavelength.wavelength   . 
_diffrn_radiation_wavelength.wt           1.0 
# 
_diffrn_source.diffrn_id                   1 
_diffrn_source.source                      'ROTATING ANODE' 
_diffrn_source.type                        'RIGAKU RU200' 
_diffrn_source.pdbx_synchrotron_site       ? 
_diffrn_source.pdbx_synchrotron_beamline   ? 
_diffrn_source.pdbx_wavelength             ? 
_diffrn_source.pdbx_wavelength_list        ? 
# 
_reflns.entry_id                     1D82 
_reflns.observed_criterion_sigma_I   ? 
_reflns.observed_criterion_sigma_F   1.000 
_reflns.d_resolution_low             ? 
_reflns.d_resolution_high            2.500 
_reflns.number_obs                   1757 
_reflns.number_all                   1861 
_reflns.percent_possible_obs         ? 
_reflns.pdbx_Rmerge_I_obs            ? 
_reflns.pdbx_Rsym_value              ? 
_reflns.pdbx_netI_over_sigmaI        ? 
_reflns.B_iso_Wilson_estimate        ? 
_reflns.pdbx_redundancy              ? 
_reflns.pdbx_diffrn_id               1 
_reflns.pdbx_ordinal                 1 
# 
_refine.entry_id                                 1D82 
_refine.ls_number_reflns_obs                     801 
_refine.ls_number_reflns_all                     ? 
_refine.pdbx_ls_sigma_I                          ? 
_refine.pdbx_ls_sigma_F                          1.000 
_refine.pdbx_data_cutoff_high_absF               ? 
_refine.pdbx_data_cutoff_low_absF                ? 
_refine.pdbx_data_cutoff_high_rms_absF           ? 
_refine.ls_d_res_low                             6.000 
_refine.ls_d_res_high                            2.500 
_refine.ls_percent_reflns_obs                    ? 
_refine.ls_R_factor_obs                          0.2110000 
_refine.ls_R_factor_all                          ? 
_refine.ls_R_factor_R_work                       ? 
_refine.ls_R_factor_R_free                       ? 
_refine.ls_R_factor_R_free_error                 ? 
_refine.ls_R_factor_R_free_error_details         ? 
_refine.ls_percent_reflns_R_free                 ? 
_refine.ls_number_reflns_R_free                  ? 
_refine.ls_number_parameters                     ? 
_refine.ls_number_restraints                     ? 
_refine.occupancy_min                            ? 
_refine.occupancy_max                            ? 
_refine.B_iso_mean                               ? 
_refine.aniso_B[1][1]                            ? 
_refine.aniso_B[2][2]                            ? 
_refine.aniso_B[3][3]                            ? 
_refine.aniso_B[1][2]                            ? 
_refine.aniso_B[1][3]                            ? 
_refine.aniso_B[2][3]                            ? 
_refine.solvent_model_details                    ? 
_refine.solvent_model_param_ksol                 ? 
_refine.solvent_model_param_bsol                 ? 
_refine.pdbx_ls_cross_valid_method               ? 
_refine.details                                  ? 
_refine.pdbx_starting_model                      ? 
_refine.pdbx_method_to_determine_struct          ? 
_refine.pdbx_isotropic_thermal_model             ? 
_refine.pdbx_stereochemistry_target_values       ? 
_refine.pdbx_stereochem_target_val_spec_case     ? 
_refine.pdbx_R_Free_selection_details            ? 
_refine.pdbx_overall_ESU_R                       ? 
_refine.pdbx_overall_ESU_R_Free                  ? 
_refine.overall_SU_ML                            ? 
_refine.overall_SU_B                             ? 
_refine.pdbx_refine_id                           'X-RAY DIFFRACTION' 
_refine.pdbx_diffrn_id                           1 
_refine.pdbx_TLS_residual_ADP_flag               ? 
_refine.correlation_coeff_Fo_to_Fc               ? 
_refine.correlation_coeff_Fo_to_Fc_free          ? 
_refine.pdbx_solvent_vdw_probe_radii             ? 
_refine.pdbx_solvent_ion_probe_radii             ? 
_refine.pdbx_solvent_shrinkage_radii             ? 
_refine.pdbx_overall_phase_error                 ? 
_refine.overall_SU_R_Cruickshank_DPI             ? 
_refine.pdbx_overall_SU_R_free_Cruickshank_DPI   ? 
_refine.pdbx_overall_SU_R_Blow_DPI               ? 
_refine.pdbx_overall_SU_R_free_Blow_DPI          ? 
# 
_refine_hist.pdbx_refine_id                   'X-RAY DIFFRACTION' 
_refine_hist.cycle_id                         LAST 
_refine_hist.pdbx_number_atoms_protein        0 
_refine_hist.pdbx_number_atoms_nucleic_acid   161 
_refine_hist.pdbx_number_atoms_ligand         0 
_refine_hist.number_atoms_solvent             3 
_refine_hist.number_atoms_total               164 
_refine_hist.d_res_high                       2.500 
_refine_hist.d_res_low                        6.000 
# 
loop_
_refine_ls_restr.type 
_refine_ls_restr.dev_ideal 
_refine_ls_restr.dev_ideal_target 
_refine_ls_restr.weight 
_refine_ls_restr.number 
_refine_ls_restr.pdbx_refine_id 
_refine_ls_restr.pdbx_restraint_function 
n_bond_d               ?     ? ? ? 'X-RAY DIFFRACTION' ? 
n_angle_d              ?     ? ? ? 'X-RAY DIFFRACTION' ? 
n_planar_d             ?     ? ? ? 'X-RAY DIFFRACTION' ? 
n_hb_or_metal_coord    ?     ? ? ? 'X-RAY DIFFRACTION' ? 
n_sugar_bond_it        0.011 ? ? ? 'X-RAY DIFFRACTION' ? 
n_sugar_angle_it       0.023 ? ? ? 'X-RAY DIFFRACTION' ? 
n_phos_bond_it         0.031 ? ? ? 'X-RAY DIFFRACTION' ? 
n_phos_angle_it        0.044 ? ? ? 'X-RAY DIFFRACTION' ? 
n_bond_angle_restr     ?     ? ? ? 'X-RAY DIFFRACTION' ? 
n_dihedral_angle_restr ?     ? ? ? 'X-RAY DIFFRACTION' ? 
n_impr_tor             ?     ? ? ? 'X-RAY DIFFRACTION' ? 
n_sugar_bond_d         ?     ? ? ? 'X-RAY DIFFRACTION' ? 
n_sugar_bond_angle_d   ?     ? ? ? 'X-RAY DIFFRACTION' ? 
n_phos_bond_d          ?     ? ? ? 'X-RAY DIFFRACTION' ? 
n_phos_bond_angle_d    ?     ? ? ? 'X-RAY DIFFRACTION' ? 
n_plane_restr          ?     ? ? ? 'X-RAY DIFFRACTION' ? 
n_chiral_restr         ?     ? ? ? 'X-RAY DIFFRACTION' ? 
n_singtor_nbd          ?     ? ? ? 'X-RAY DIFFRACTION' ? 
n_multtor_nbd          ?     ? ? ? 'X-RAY DIFFRACTION' ? 
n_xhyhbond_nbd         ?     ? ? ? 'X-RAY DIFFRACTION' ? 
# 
_struct.entry_id                  1D82 
_struct.title                     'CRYSTAL AND MOLECULAR STRUCTURE OF D(GTCTAGAC)' 
_struct.pdbx_model_details        ? 
_struct.pdbx_CASP_flag            ? 
_struct.pdbx_model_type_details   ? 
# 
_struct_keywords.entry_id        1D82 
_struct_keywords.pdbx_keywords   DNA 
_struct_keywords.text            'A-DNA, DOUBLE HELIX, DNA' 
# 
loop_
_struct_asym.id 
_struct_asym.pdbx_blank_PDB_chainid_flag 
_struct_asym.pdbx_modified 
_struct_asym.entity_id 
_struct_asym.details 
A N N 1 ? 
B N N 2 ? 
# 
_struct_ref.id                         1 
_struct_ref.entity_id                  1 
_struct_ref.db_name                    PDB 
_struct_ref.db_code                    1D82 
_struct_ref.pdbx_db_accession          1D82 
_struct_ref.pdbx_db_isoform            ? 
_struct_ref.pdbx_seq_one_letter_code   ? 
_struct_ref.pdbx_align_begin           ? 
# 
_struct_ref_seq.align_id                      1 
_struct_ref_seq.ref_id                        1 
_struct_ref_seq.pdbx_PDB_id_code              1D82 
_struct_ref_seq.pdbx_strand_id                A 
_struct_ref_seq.seq_align_beg                 1 
_struct_ref_seq.pdbx_seq_align_beg_ins_code   ? 
_struct_ref_seq.seq_align_end                 8 
_struct_ref_seq.pdbx_seq_align_end_ins_code   ? 
_struct_ref_seq.pdbx_db_accession             1D82 
_struct_ref_seq.db_align_beg                  1 
_struct_ref_seq.pdbx_db_align_beg_ins_code    ? 
_struct_ref_seq.db_align_end                  8 
_struct_ref_seq.pdbx_db_align_end_ins_code    ? 
_struct_ref_seq.pdbx_auth_seq_align_beg       1 
_struct_ref_seq.pdbx_auth_seq_align_end       8 
# 
_pdbx_struct_assembly.id                   1 
_pdbx_struct_assembly.details              author_defined_assembly 
_pdbx_struct_assembly.method_details       ? 
_pdbx_struct_assembly.oligomeric_details   dimeric 
_pdbx_struct_assembly.oligomeric_count     2 
# 
_pdbx_struct_assembly_gen.assembly_id       1 
_pdbx_struct_assembly_gen.oper_expression   1,2 
_pdbx_struct_assembly_gen.asym_id_list      A,B 
# 
loop_
_pdbx_struct_oper_list.id 
_pdbx_struct_oper_list.type 
_pdbx_struct_oper_list.name 
_pdbx_struct_oper_list.symmetry_operation 
_pdbx_struct_oper_list.matrix[1][1] 
_pdbx_struct_oper_list.matrix[1][2] 
_pdbx_struct_oper_list.matrix[1][3] 
_pdbx_struct_oper_list.vector[1] 
_pdbx_struct_oper_list.matrix[2][1] 
_pdbx_struct_oper_list.matrix[2][2] 
_pdbx_struct_oper_list.matrix[2][3] 
_pdbx_struct_oper_list.vector[2] 
_pdbx_struct_oper_list.matrix[3][1] 
_pdbx_struct_oper_list.matrix[3][2] 
_pdbx_struct_oper_list.matrix[3][3] 
_pdbx_struct_oper_list.vector[3] 
1 'identity operation'         1_555 x,y,z  1.0000000000  0.0000000000 0.0000000000  0.0000000000  0.0000000000 1.0000000000  0.0000000000  0.0000000000 0.0000000000  0.0000000000  1.0000000000  0.0000000000  
2 'crystal symmetry operation' 7_555 y,x,-z -0.0419487871 0.9322853458 -0.3592830824 -3.0914687875 0.9322853458 -0.0927875731 -0.3496205090 1.9957046982 -0.3592830824 -0.3496205090 -0.8652636398 -3.0650460063 
# 
_struct_biol.id   1 
# 
loop_
_struct_conn.id 
_struct_conn.conn_type_id 
_struct_conn.pdbx_leaving_atom_flag 
_struct_conn.pdbx_PDB_id 
_struct_conn.ptnr1_label_asym_id 
_struct_conn.ptnr1_label_comp_id 
_struct_conn.ptnr1_label_seq_id 
_struct_conn.ptnr1_label_atom_id 
_struct_conn.pdbx_ptnr1_label_alt_id 
_struct_conn.pdbx_ptnr1_PDB_ins_code 
_struct_conn.pdbx_ptnr1_standard_comp_id 
_struct_conn.ptnr1_symmetry 
_struct_conn.ptnr2_label_asym_id 
_struct_conn.ptnr2_label_comp_id 
_struct_conn.ptnr2_label_seq_id 
_struct_conn.ptnr2_label_atom_id 
_struct_conn.pdbx_ptnr2_label_alt_id 
_struct_conn.pdbx_ptnr2_PDB_ins_code 
_struct_conn.ptnr1_auth_asym_id 
_struct_conn.ptnr1_auth_comp_id 
_struct_conn.ptnr1_auth_seq_id 
_struct_conn.ptnr2_auth_asym_id 
_struct_conn.ptnr2_auth_comp_id 
_struct_conn.ptnr2_auth_seq_id 
_struct_conn.ptnr2_symmetry 
_struct_conn.pdbx_ptnr3_label_atom_id 
_struct_conn.pdbx_ptnr3_label_seq_id 
_struct_conn.pdbx_ptnr3_label_comp_id 
_struct_conn.pdbx_ptnr3_label_asym_id 
_struct_conn.pdbx_ptnr3_label_alt_id 
_struct_conn.pdbx_ptnr3_PDB_ins_code 
_struct_conn.details 
_struct_conn.pdbx_dist_value 
_struct_conn.pdbx_value_order 
_struct_conn.pdbx_role 
hydrog1  hydrog ? ? A DG 1 N1 ? ? ? 1_555 A DC 8 N3 ? ? A DG 1 A DC 8 7_555 ? ? ? ? ? ? WATSON-CRICK ? ? ? 
hydrog2  hydrog ? ? A DG 1 N2 ? ? ? 1_555 A DC 8 O2 ? ? A DG 1 A DC 8 7_555 ? ? ? ? ? ? WATSON-CRICK ? ? ? 
hydrog3  hydrog ? ? A DG 1 O6 ? ? ? 1_555 A DC 8 N4 ? ? A DG 1 A DC 8 7_555 ? ? ? ? ? ? WATSON-CRICK ? ? ? 
hydrog4  hydrog ? ? A DT 2 N3 ? ? ? 1_555 A DA 7 N1 ? ? A DT 2 A DA 7 7_555 ? ? ? ? ? ? WATSON-CRICK ? ? ? 
hydrog5  hydrog ? ? A DT 2 O4 ? ? ? 1_555 A DA 7 N6 ? ? A DT 2 A DA 7 7_555 ? ? ? ? ? ? WATSON-CRICK ? ? ? 
hydrog6  hydrog ? ? A DC 3 N3 ? ? ? 1_555 A DG 6 N1 ? ? A DC 3 A DG 6 7_555 ? ? ? ? ? ? WATSON-CRICK ? ? ? 
hydrog7  hydrog ? ? A DC 3 N4 ? ? ? 1_555 A DG 6 O6 ? ? A DC 3 A DG 6 7_555 ? ? ? ? ? ? WATSON-CRICK ? ? ? 
hydrog8  hydrog ? ? A DC 3 O2 ? ? ? 1_555 A DG 6 N2 ? ? A DC 3 A DG 6 7_555 ? ? ? ? ? ? WATSON-CRICK ? ? ? 
hydrog9  hydrog ? ? A DT 4 N3 ? ? ? 1_555 A DA 5 N1 ? ? A DT 4 A DA 5 7_555 ? ? ? ? ? ? WATSON-CRICK ? ? ? 
hydrog10 hydrog ? ? A DT 4 O4 ? ? ? 1_555 A DA 5 N6 ? ? A DT 4 A DA 5 7_555 ? ? ? ? ? ? WATSON-CRICK ? ? ? 
hydrog11 hydrog ? ? A DA 5 N1 ? ? ? 1_555 A DT 4 N3 ? ? A DA 5 A DT 4 7_555 ? ? ? ? ? ? WATSON-CRICK ? ? ? 
hydrog12 hydrog ? ? A DA 5 N6 ? ? ? 1_555 A DT 4 O4 ? ? A DA 5 A DT 4 7_555 ? ? ? ? ? ? WATSON-CRICK ? ? ? 
hydrog13 hydrog ? ? A DG 6 N1 ? ? ? 1_555 A DC 3 N3 ? ? A DG 6 A DC 3 7_555 ? ? ? ? ? ? WATSON-CRICK ? ? ? 
hydrog14 hydrog ? ? A DG 6 N2 ? ? ? 1_555 A DC 3 O2 ? ? A DG 6 A DC 3 7_555 ? ? ? ? ? ? WATSON-CRICK ? ? ? 
hydrog15 hydrog ? ? A DG 6 O6 ? ? ? 1_555 A DC 3 N4 ? ? A DG 6 A DC 3 7_555 ? ? ? ? ? ? WATSON-CRICK ? ? ? 
hydrog16 hydrog ? ? A DA 7 N1 ? ? ? 1_555 A DT 2 N3 ? ? A DA 7 A DT 2 7_555 ? ? ? ? ? ? WATSON-CRICK ? ? ? 
hydrog17 hydrog ? ? A DA 7 N6 ? ? ? 1_555 A DT 2 O4 ? ? A DA 7 A DT 2 7_555 ? ? ? ? ? ? WATSON-CRICK ? ? ? 
hydrog18 hydrog ? ? A DC 8 N3 ? ? ? 1_555 A DG 1 N1 ? ? A DC 8 A DG 1 7_555 ? ? ? ? ? ? WATSON-CRICK ? ? ? 
hydrog19 hydrog ? ? A DC 8 N4 ? ? ? 1_555 A DG 1 O6 ? ? A DC 8 A DG 1 7_555 ? ? ? ? ? ? WATSON-CRICK ? ? ? 
hydrog20 hydrog ? ? A DC 8 O2 ? ? ? 1_555 A DG 1 N2 ? ? A DC 8 A DG 1 7_555 ? ? ? ? ? ? WATSON-CRICK ? ? ? 
# 
_struct_conn_type.id          hydrog 
_struct_conn_type.criteria    ? 
_struct_conn_type.reference   ? 
# 
loop_
_pdbx_validate_symm_contact.id 
_pdbx_validate_symm_contact.PDB_model_num 
_pdbx_validate_symm_contact.auth_atom_id_1 
_pdbx_validate_symm_contact.auth_asym_id_1 
_pdbx_validate_symm_contact.auth_comp_id_1 
_pdbx_validate_symm_contact.auth_seq_id_1 
_pdbx_validate_symm_contact.PDB_ins_code_1 
_pdbx_validate_symm_contact.label_alt_id_1 
_pdbx_validate_symm_contact.site_symmetry_1 
_pdbx_validate_symm_contact.auth_atom_id_2 
_pdbx_validate_symm_contact.auth_asym_id_2 
_pdbx_validate_symm_contact.auth_comp_id_2 
_pdbx_validate_symm_contact.auth_seq_id_2 
_pdbx_validate_symm_contact.PDB_ins_code_2 
_pdbx_validate_symm_contact.label_alt_id_2 
_pdbx_validate_symm_contact.site_symmetry_2 
_pdbx_validate_symm_contact.dist 
1 1 "C5'" A DT 2 ? ? 1_555 O A HOH 11 ? ? 3_544 1.67 
2 1 "C4'" A DT 2 ? ? 1_555 O A HOH 11 ? ? 3_544 1.76 
3 1 "O4'" A DT 2 ? ? 1_555 O A HOH 11 ? ? 3_544 2.02 
# 
loop_
_pdbx_validate_rmsd_angle.id 
_pdbx_validate_rmsd_angle.PDB_model_num 
_pdbx_validate_rmsd_angle.auth_atom_id_1 
_pdbx_validate_rmsd_angle.auth_asym_id_1 
_pdbx_validate_rmsd_angle.auth_comp_id_1 
_pdbx_validate_rmsd_angle.auth_seq_id_1 
_pdbx_validate_rmsd_angle.PDB_ins_code_1 
_pdbx_validate_rmsd_angle.label_alt_id_1 
_pdbx_validate_rmsd_angle.auth_atom_id_2 
_pdbx_validate_rmsd_angle.auth_asym_id_2 
_pdbx_validate_rmsd_angle.auth_comp_id_2 
_pdbx_validate_rmsd_angle.auth_seq_id_2 
_pdbx_validate_rmsd_angle.PDB_ins_code_2 
_pdbx_validate_rmsd_angle.label_alt_id_2 
_pdbx_validate_rmsd_angle.auth_atom_id_3 
_pdbx_validate_rmsd_angle.auth_asym_id_3 
_pdbx_validate_rmsd_angle.auth_comp_id_3 
_pdbx_validate_rmsd_angle.auth_seq_id_3 
_pdbx_validate_rmsd_angle.PDB_ins_code_3 
_pdbx_validate_rmsd_angle.label_alt_id_3 
_pdbx_validate_rmsd_angle.angle_value 
_pdbx_validate_rmsd_angle.angle_target_value 
_pdbx_validate_rmsd_angle.angle_deviation 
_pdbx_validate_rmsd_angle.angle_standard_deviation 
_pdbx_validate_rmsd_angle.linker_flag 
1  1 "O4'" A DG 1 ? ? "C1'" A DG 1 ? ? N9    A DG 1 ? ? 110.92 108.30 2.62   0.30 N 
2  1 "O5'" A DT 2 ? ? P     A DT 2 ? ? OP1   A DT 2 ? ? 119.95 110.70 9.25   1.20 N 
3  1 "O5'" A DT 2 ? ? P     A DT 2 ? ? OP2   A DT 2 ? ? 117.90 110.70 7.20   1.20 N 
4  1 "O4'" A DT 2 ? ? "C1'" A DT 2 ? ? N1    A DT 2 ? ? 110.94 108.30 2.64   0.30 N 
5  1 C2    A DT 2 ? ? N3    A DT 2 ? ? C4    A DT 2 ? ? 122.33 127.20 -4.87  0.60 N 
6  1 N3    A DT 2 ? ? C4    A DT 2 ? ? C5    A DT 2 ? ? 119.35 115.20 4.15   0.60 N 
7  1 N3    A DT 2 ? ? C4    A DT 2 ? ? O4    A DT 2 ? ? 116.19 119.90 -3.71  0.60 N 
8  1 P     A DC 3 ? ? "O5'" A DC 3 ? ? "C5'" A DC 3 ? ? 108.80 120.90 -12.10 1.60 N 
9  1 "O4'" A DC 3 ? ? "C1'" A DC 3 ? ? N1    A DC 3 ? ? 111.31 108.30 3.01   0.30 N 
10 1 C2    A DT 4 ? ? N3    A DT 4 ? ? C4    A DT 4 ? ? 122.42 127.20 -4.78  0.60 N 
11 1 N3    A DT 4 ? ? C4    A DT 4 ? ? C5    A DT 4 ? ? 119.61 115.20 4.41   0.60 N 
12 1 "O5'" A DA 5 ? ? "C5'" A DA 5 ? ? "C4'" A DA 5 ? ? 102.11 109.40 -7.29  0.80 N 
13 1 P     A DA 5 ? ? "O5'" A DA 5 ? ? "C5'" A DA 5 ? ? 106.91 120.90 -13.99 1.60 N 
14 1 "O4'" A DA 5 ? ? "C1'" A DA 5 ? ? N9    A DA 5 ? ? 113.13 108.30 4.83   0.30 N 
15 1 "O4'" A DG 6 ? ? "C1'" A DG 6 ? ? N9    A DG 6 ? ? 103.72 108.00 -4.28  0.70 N 
16 1 "C3'" A DG 6 ? ? "O3'" A DG 6 ? ? P     A DA 7 ? ? 110.76 119.70 -8.94  1.20 Y 
17 1 N1    A DA 7 ? ? C2    A DA 7 ? ? N3    A DA 7 ? ? 125.98 129.30 -3.32  0.50 N 
18 1 "C3'" A DA 7 ? ? "O3'" A DA 7 ? ? P     A DC 8 ? ? 130.17 119.70 10.47  1.20 Y 
19 1 "O5'" A DC 8 ? ? "C5'" A DC 8 ? ? "C4'" A DC 8 ? ? 101.16 109.40 -8.24  0.80 N 
20 1 "O4'" A DC 8 ? ? "C1'" A DC 8 ? ? N1    A DC 8 ? ? 110.38 108.30 2.08   0.30 N 
# 
loop_
_refine_B_iso.class 
_refine_B_iso.details 
_refine_B_iso.treatment 
_refine_B_iso.pdbx_refine_id 
'ALL ATOMS'  TR isotropic 'X-RAY DIFFRACTION' 
'ALL WATERS' TR isotropic 'X-RAY DIFFRACTION' 
# 
loop_
_refine_occupancy.class 
_refine_occupancy.treatment 
_refine_occupancy.pdbx_refine_id 
'ALL ATOMS'  fix 'X-RAY DIFFRACTION' 
'ALL WATERS' fix 'X-RAY DIFFRACTION' 
# 
loop_
_chem_comp_atom.comp_id 
_chem_comp_atom.atom_id 
_chem_comp_atom.type_symbol 
_chem_comp_atom.pdbx_aromatic_flag 
_chem_comp_atom.pdbx_stereo_config 
_chem_comp_atom.pdbx_ordinal 
DA  OP3    O N N 1   
DA  P      P N N 2   
DA  OP1    O N N 3   
DA  OP2    O N N 4   
DA  "O5'"  O N N 5   
DA  "C5'"  C N N 6   
DA  "C4'"  C N R 7   
DA  "O4'"  O N N 8   
DA  "C3'"  C N S 9   
DA  "O3'"  O N N 10  
DA  "C2'"  C N N 11  
DA  "C1'"  C N R 12  
DA  N9     N Y N 13  
DA  C8     C Y N 14  
DA  N7     N Y N 15  
DA  C5     C Y N 16  
DA  C6     C Y N 17  
DA  N6     N N N 18  
DA  N1     N Y N 19  
DA  C2     C Y N 20  
DA  N3     N Y N 21  
DA  C4     C Y N 22  
DA  HOP3   H N N 23  
DA  HOP2   H N N 24  
DA  "H5'"  H N N 25  
DA  "H5''" H N N 26  
DA  "H4'"  H N N 27  
DA  "H3'"  H N N 28  
DA  "HO3'" H N N 29  
DA  "H2'"  H N N 30  
DA  "H2''" H N N 31  
DA  "H1'"  H N N 32  
DA  H8     H N N 33  
DA  H61    H N N 34  
DA  H62    H N N 35  
DA  H2     H N N 36  
DC  OP3    O N N 37  
DC  P      P N N 38  
DC  OP1    O N N 39  
DC  OP2    O N N 40  
DC  "O5'"  O N N 41  
DC  "C5'"  C N N 42  
DC  "C4'"  C N R 43  
DC  "O4'"  O N N 44  
DC  "C3'"  C N S 45  
DC  "O3'"  O N N 46  
DC  "C2'"  C N N 47  
DC  "C1'"  C N R 48  
DC  N1     N N N 49  
DC  C2     C N N 50  
DC  O2     O N N 51  
DC  N3     N N N 52  
DC  C4     C N N 53  
DC  N4     N N N 54  
DC  C5     C N N 55  
DC  C6     C N N 56  
DC  HOP3   H N N 57  
DC  HOP2   H N N 58  
DC  "H5'"  H N N 59  
DC  "H5''" H N N 60  
DC  "H4'"  H N N 61  
DC  "H3'"  H N N 62  
DC  "HO3'" H N N 63  
DC  "H2'"  H N N 64  
DC  "H2''" H N N 65  
DC  "H1'"  H N N 66  
DC  H41    H N N 67  
DC  H42    H N N 68  
DC  H5     H N N 69  
DC  H6     H N N 70  
DG  OP3    O N N 71  
DG  P      P N N 72  
DG  OP1    O N N 73  
DG  OP2    O N N 74  
DG  "O5'"  O N N 75  
DG  "C5'"  C N N 76  
DG  "C4'"  C N R 77  
DG  "O4'"  O N N 78  
DG  "C3'"  C N S 79  
DG  "O3'"  O N N 80  
DG  "C2'"  C N N 81  
DG  "C1'"  C N R 82  
DG  N9     N Y N 83  
DG  C8     C Y N 84  
DG  N7     N Y N 85  
DG  C5     C Y N 86  
DG  C6     C N N 87  
DG  O6     O N N 88  
DG  N1     N N N 89  
DG  C2     C N N 90  
DG  N2     N N N 91  
DG  N3     N N N 92  
DG  C4     C Y N 93  
DG  HOP3   H N N 94  
DG  HOP2   H N N 95  
DG  "H5'"  H N N 96  
DG  "H5''" H N N 97  
DG  "H4'"  H N N 98  
DG  "H3'"  H N N 99  
DG  "HO3'" H N N 100 
DG  "H2'"  H N N 101 
DG  "H2''" H N N 102 
DG  "H1'"  H N N 103 
DG  H8     H N N 104 
DG  H1     H N N 105 
DG  H21    H N N 106 
DG  H22    H N N 107 
DT  OP3    O N N 108 
DT  P      P N N 109 
DT  OP1    O N N 110 
DT  OP2    O N N 111 
DT  "O5'"  O N N 112 
DT  "C5'"  C N N 113 
DT  "C4'"  C N R 114 
DT  "O4'"  O N N 115 
DT  "C3'"  C N S 116 
DT  "O3'"  O N N 117 
DT  "C2'"  C N N 118 
DT  "C1'"  C N R 119 
DT  N1     N N N 120 
DT  C2     C N N 121 
DT  O2     O N N 122 
DT  N3     N N N 123 
DT  C4     C N N 124 
DT  O4     O N N 125 
DT  C5     C N N 126 
DT  C7     C N N 127 
DT  C6     C N N 128 
DT  HOP3   H N N 129 
DT  HOP2   H N N 130 
DT  "H5'"  H N N 131 
DT  "H5''" H N N 132 
DT  "H4'"  H N N 133 
DT  "H3'"  H N N 134 
DT  "HO3'" H N N 135 
DT  "H2'"  H N N 136 
DT  "H2''" H N N 137 
DT  "H1'"  H N N 138 
DT  H3     H N N 139 
DT  H71    H N N 140 
DT  H72    H N N 141 
DT  H73    H N N 142 
DT  H6     H N N 143 
HOH O      O N N 144 
HOH H1     H N N 145 
HOH H2     H N N 146 
# 
loop_
_chem_comp_bond.comp_id 
_chem_comp_bond.atom_id_1 
_chem_comp_bond.atom_id_2 
_chem_comp_bond.value_order 
_chem_comp_bond.pdbx_aromatic_flag 
_chem_comp_bond.pdbx_stereo_config 
_chem_comp_bond.pdbx_ordinal 
DA  OP3   P      sing N N 1   
DA  OP3   HOP3   sing N N 2   
DA  P     OP1    doub N N 3   
DA  P     OP2    sing N N 4   
DA  P     "O5'"  sing N N 5   
DA  OP2   HOP2   sing N N 6   
DA  "O5'" "C5'"  sing N N 7   
DA  "C5'" "C4'"  sing N N 8   
DA  "C5'" "H5'"  sing N N 9   
DA  "C5'" "H5''" sing N N 10  
DA  "C4'" "O4'"  sing N N 11  
DA  "C4'" "C3'"  sing N N 12  
DA  "C4'" "H4'"  sing N N 13  
DA  "O4'" "C1'"  sing N N 14  
DA  "C3'" "O3'"  sing N N 15  
DA  "C3'" "C2'"  sing N N 16  
DA  "C3'" "H3'"  sing N N 17  
DA  "O3'" "HO3'" sing N N 18  
DA  "C2'" "C1'"  sing N N 19  
DA  "C2'" "H2'"  sing N N 20  
DA  "C2'" "H2''" sing N N 21  
DA  "C1'" N9     sing N N 22  
DA  "C1'" "H1'"  sing N N 23  
DA  N9    C8     sing Y N 24  
DA  N9    C4     sing Y N 25  
DA  C8    N7     doub Y N 26  
DA  C8    H8     sing N N 27  
DA  N7    C5     sing Y N 28  
DA  C5    C6     sing Y N 29  
DA  C5    C4     doub Y N 30  
DA  C6    N6     sing N N 31  
DA  C6    N1     doub Y N 32  
DA  N6    H61    sing N N 33  
DA  N6    H62    sing N N 34  
DA  N1    C2     sing Y N 35  
DA  C2    N3     doub Y N 36  
DA  C2    H2     sing N N 37  
DA  N3    C4     sing Y N 38  
DC  OP3   P      sing N N 39  
DC  OP3   HOP3   sing N N 40  
DC  P     OP1    doub N N 41  
DC  P     OP2    sing N N 42  
DC  P     "O5'"  sing N N 43  
DC  OP2   HOP2   sing N N 44  
DC  "O5'" "C5'"  sing N N 45  
DC  "C5'" "C4'"  sing N N 46  
DC  "C5'" "H5'"  sing N N 47  
DC  "C5'" "H5''" sing N N 48  
DC  "C4'" "O4'"  sing N N 49  
DC  "C4'" "C3'"  sing N N 50  
DC  "C4'" "H4'"  sing N N 51  
DC  "O4'" "C1'"  sing N N 52  
DC  "C3'" "O3'"  sing N N 53  
DC  "C3'" "C2'"  sing N N 54  
DC  "C3'" "H3'"  sing N N 55  
DC  "O3'" "HO3'" sing N N 56  
DC  "C2'" "C1'"  sing N N 57  
DC  "C2'" "H2'"  sing N N 58  
DC  "C2'" "H2''" sing N N 59  
DC  "C1'" N1     sing N N 60  
DC  "C1'" "H1'"  sing N N 61  
DC  N1    C2     sing N N 62  
DC  N1    C6     sing N N 63  
DC  C2    O2     doub N N 64  
DC  C2    N3     sing N N 65  
DC  N3    C4     doub N N 66  
DC  C4    N4     sing N N 67  
DC  C4    C5     sing N N 68  
DC  N4    H41    sing N N 69  
DC  N4    H42    sing N N 70  
DC  C5    C6     doub N N 71  
DC  C5    H5     sing N N 72  
DC  C6    H6     sing N N 73  
DG  OP3   P      sing N N 74  
DG  OP3   HOP3   sing N N 75  
DG  P     OP1    doub N N 76  
DG  P     OP2    sing N N 77  
DG  P     "O5'"  sing N N 78  
DG  OP2   HOP2   sing N N 79  
DG  "O5'" "C5'"  sing N N 80  
DG  "C5'" "C4'"  sing N N 81  
DG  "C5'" "H5'"  sing N N 82  
DG  "C5'" "H5''" sing N N 83  
DG  "C4'" "O4'"  sing N N 84  
DG  "C4'" "C3'"  sing N N 85  
DG  "C4'" "H4'"  sing N N 86  
DG  "O4'" "C1'"  sing N N 87  
DG  "C3'" "O3'"  sing N N 88  
DG  "C3'" "C2'"  sing N N 89  
DG  "C3'" "H3'"  sing N N 90  
DG  "O3'" "HO3'" sing N N 91  
DG  "C2'" "C1'"  sing N N 92  
DG  "C2'" "H2'"  sing N N 93  
DG  "C2'" "H2''" sing N N 94  
DG  "C1'" N9     sing N N 95  
DG  "C1'" "H1'"  sing N N 96  
DG  N9    C8     sing Y N 97  
DG  N9    C4     sing Y N 98  
DG  C8    N7     doub Y N 99  
DG  C8    H8     sing N N 100 
DG  N7    C5     sing Y N 101 
DG  C5    C6     sing N N 102 
DG  C5    C4     doub Y N 103 
DG  C6    O6     doub N N 104 
DG  C6    N1     sing N N 105 
DG  N1    C2     sing N N 106 
DG  N1    H1     sing N N 107 
DG  C2    N2     sing N N 108 
DG  C2    N3     doub N N 109 
DG  N2    H21    sing N N 110 
DG  N2    H22    sing N N 111 
DG  N3    C4     sing N N 112 
DT  OP3   P      sing N N 113 
DT  OP3   HOP3   sing N N 114 
DT  P     OP1    doub N N 115 
DT  P     OP2    sing N N 116 
DT  P     "O5'"  sing N N 117 
DT  OP2   HOP2   sing N N 118 
DT  "O5'" "C5'"  sing N N 119 
DT  "C5'" "C4'"  sing N N 120 
DT  "C5'" "H5'"  sing N N 121 
DT  "C5'" "H5''" sing N N 122 
DT  "C4'" "O4'"  sing N N 123 
DT  "C4'" "C3'"  sing N N 124 
DT  "C4'" "H4'"  sing N N 125 
DT  "O4'" "C1'"  sing N N 126 
DT  "C3'" "O3'"  sing N N 127 
DT  "C3'" "C2'"  sing N N 128 
DT  "C3'" "H3'"  sing N N 129 
DT  "O3'" "HO3'" sing N N 130 
DT  "C2'" "C1'"  sing N N 131 
DT  "C2'" "H2'"  sing N N 132 
DT  "C2'" "H2''" sing N N 133 
DT  "C1'" N1     sing N N 134 
DT  "C1'" "H1'"  sing N N 135 
DT  N1    C2     sing N N 136 
DT  N1    C6     sing N N 137 
DT  C2    O2     doub N N 138 
DT  C2    N3     sing N N 139 
DT  N3    C4     sing N N 140 
DT  N3    H3     sing N N 141 
DT  C4    O4     doub N N 142 
DT  C4    C5     sing N N 143 
DT  C5    C7     sing N N 144 
DT  C5    C6     doub N N 145 
DT  C7    H71    sing N N 146 
DT  C7    H72    sing N N 147 
DT  C7    H73    sing N N 148 
DT  C6    H6     sing N N 149 
HOH O     H1     sing N N 150 
HOH O     H2     sing N N 151 
# 
_ndb_struct_conf_na.entry_id   1D82 
_ndb_struct_conf_na.feature    'a-form double helix' 
# 
loop_
_ndb_struct_na_base_pair.model_number 
_ndb_struct_na_base_pair.i_label_asym_id 
_ndb_struct_na_base_pair.i_label_comp_id 
_ndb_struct_na_base_pair.i_label_seq_id 
_ndb_struct_na_base_pair.i_symmetry 
_ndb_struct_na_base_pair.j_label_asym_id 
_ndb_struct_na_base_pair.j_label_comp_id 
_ndb_struct_na_base_pair.j_label_seq_id 
_ndb_struct_na_base_pair.j_symmetry 
_ndb_struct_na_base_pair.shear 
_ndb_struct_na_base_pair.stretch 
_ndb_struct_na_base_pair.stagger 
_ndb_struct_na_base_pair.buckle 
_ndb_struct_na_base_pair.propeller 
_ndb_struct_na_base_pair.opening 
_ndb_struct_na_base_pair.pair_number 
_ndb_struct_na_base_pair.pair_name 
_ndb_struct_na_base_pair.i_auth_asym_id 
_ndb_struct_na_base_pair.i_auth_seq_id 
_ndb_struct_na_base_pair.i_PDB_ins_code 
_ndb_struct_na_base_pair.j_auth_asym_id 
_ndb_struct_na_base_pair.j_auth_seq_id 
_ndb_struct_na_base_pair.j_PDB_ins_code 
_ndb_struct_na_base_pair.hbond_type_28 
_ndb_struct_na_base_pair.hbond_type_12 
1 A DG 1 1_555 A DC 8 7_555 -1.032 -0.142 -0.233 -8.200  -10.434 5.107  1 A_DG1:DC8_A A 1 ? A 8 ? 19 1 
1 A DT 2 1_555 A DA 7 7_555 -0.098 -0.094 -0.271 10.717  -13.048 3.672  2 A_DT2:DA7_A A 2 ? A 7 ? 20 1 
1 A DC 3 1_555 A DG 6 7_555 0.640  -0.349 0.039  1.366   -8.921  7.368  3 A_DC3:DG6_A A 3 ? A 6 ? 19 1 
1 A DT 4 1_555 A DA 5 7_555 0.098  -0.111 0.347  -2.409  -11.731 -5.261 4 A_DT4:DA5_A A 4 ? A 5 ? 20 1 
1 A DA 5 1_555 A DT 4 7_555 -0.098 -0.111 0.347  2.409   -11.731 -5.261 5 A_DA5:DT4_A A 5 ? A 4 ? 20 1 
1 A DG 6 1_555 A DC 3 7_555 -0.640 -0.349 0.039  -1.366  -8.921  7.368  6 A_DG6:DC3_A A 6 ? A 3 ? 19 1 
1 A DA 7 1_555 A DT 2 7_555 0.098  -0.094 -0.271 -10.717 -13.048 3.672  7 A_DA7:DT2_A A 7 ? A 2 ? 20 1 
1 A DC 8 1_555 A DG 1 7_555 1.032  -0.142 -0.233 8.200   -10.434 5.107  8 A_DC8:DG1_A A 8 ? A 1 ? 19 1 
# 
loop_
_ndb_struct_na_base_pair_step.model_number 
_ndb_struct_na_base_pair_step.i_label_asym_id_1 
_ndb_struct_na_base_pair_step.i_label_comp_id_1 
_ndb_struct_na_base_pair_step.i_label_seq_id_1 
_ndb_struct_na_base_pair_step.i_symmetry_1 
_ndb_struct_na_base_pair_step.j_label_asym_id_1 
_ndb_struct_na_base_pair_step.j_label_comp_id_1 
_ndb_struct_na_base_pair_step.j_label_seq_id_1 
_ndb_struct_na_base_pair_step.j_symmetry_1 
_ndb_struct_na_base_pair_step.i_label_asym_id_2 
_ndb_struct_na_base_pair_step.i_label_comp_id_2 
_ndb_struct_na_base_pair_step.i_label_seq_id_2 
_ndb_struct_na_base_pair_step.i_symmetry_2 
_ndb_struct_na_base_pair_step.j_label_asym_id_2 
_ndb_struct_na_base_pair_step.j_label_comp_id_2 
_ndb_struct_na_base_pair_step.j_label_seq_id_2 
_ndb_struct_na_base_pair_step.j_symmetry_2 
_ndb_struct_na_base_pair_step.shift 
_ndb_struct_na_base_pair_step.slide 
_ndb_struct_na_base_pair_step.rise 
_ndb_struct_na_base_pair_step.tilt 
_ndb_struct_na_base_pair_step.roll 
_ndb_struct_na_base_pair_step.twist 
_ndb_struct_na_base_pair_step.x_displacement 
_ndb_struct_na_base_pair_step.y_displacement 
_ndb_struct_na_base_pair_step.helical_rise 
_ndb_struct_na_base_pair_step.inclination 
_ndb_struct_na_base_pair_step.tip 
_ndb_struct_na_base_pair_step.helical_twist 
_ndb_struct_na_base_pair_step.step_number 
_ndb_struct_na_base_pair_step.step_name 
_ndb_struct_na_base_pair_step.i_auth_asym_id_1 
_ndb_struct_na_base_pair_step.i_auth_seq_id_1 
_ndb_struct_na_base_pair_step.i_PDB_ins_code_1 
_ndb_struct_na_base_pair_step.j_auth_asym_id_1 
_ndb_struct_na_base_pair_step.j_auth_seq_id_1 
_ndb_struct_na_base_pair_step.j_PDB_ins_code_1 
_ndb_struct_na_base_pair_step.i_auth_asym_id_2 
_ndb_struct_na_base_pair_step.i_auth_seq_id_2 
_ndb_struct_na_base_pair_step.i_PDB_ins_code_2 
_ndb_struct_na_base_pair_step.j_auth_asym_id_2 
_ndb_struct_na_base_pair_step.j_auth_seq_id_2 
_ndb_struct_na_base_pair_step.j_PDB_ins_code_2 
1 A DG 1 1_555 A DC 8 7_555 A DT 2 1_555 A DA 7 7_555 0.624  -0.887 2.900 -1.513 11.670 36.597 -2.580 -1.109 2.486 18.020 2.337  
38.381 1 AA_DG1DT2:DA7DC8_AA A 1 ? A 8 ? A 2 ? A 7 ? 
1 A DT 2 1_555 A DA 7 7_555 A DC 3 1_555 A DG 6 7_555 0.061  -1.301 3.598 0.190  11.502 37.433 -3.389 -0.068 3.081 17.424 -0.288 
39.100 2 AA_DT2DC3:DG6DA7_AA A 2 ? A 7 ? A 3 ? A 6 ? 
1 A DC 3 1_555 A DG 6 7_555 A DT 4 1_555 A DA 5 7_555 -0.317 -1.570 3.363 -0.512 2.511  32.258 -3.265 0.477  3.239 4.510  0.919  
32.357 3 AA_DC3DT4:DA5DG6_AA A 3 ? A 6 ? A 4 ? A 5 ? 
1 A DT 4 1_555 A DA 5 7_555 A DA 5 1_555 A DT 4 7_555 0.000  -1.665 3.184 0.000  6.159  23.841 -5.628 0.000  2.675 14.598 0.000  
24.613 4 AA_DT4DA5:DT4DA5_AA A 4 ? A 5 ? A 5 ? A 4 ? 
1 A DA 5 1_555 A DT 4 7_555 A DG 6 1_555 A DC 3 7_555 0.317  -1.570 3.363 0.512  2.511  32.258 -3.265 -0.477 3.239 4.510  -0.919 
32.357 5 AA_DA5DG6:DC3DT4_AA A 5 ? A 4 ? A 6 ? A 3 ? 
1 A DG 6 1_555 A DC 3 7_555 A DA 7 1_555 A DT 2 7_555 -0.061 -1.301 3.598 -0.190 11.502 37.433 -3.389 0.068  3.081 17.424 0.288  
39.100 6 AA_DG6DA7:DT2DC3_AA A 6 ? A 3 ? A 7 ? A 2 ? 
1 A DA 7 1_555 A DT 2 7_555 A DC 8 1_555 A DG 1 7_555 -0.624 -0.887 2.900 1.513  11.670 36.597 -2.580 1.109  2.486 18.020 -2.337 
38.381 7 AA_DA7DC8:DG1DT2_AA A 7 ? A 2 ? A 8 ? A 1 ? 
# 
_atom_sites.entry_id                    1D82 
_atom_sites.fract_transf_matrix[1][1]   -0.01489466 
_atom_sites.fract_transf_matrix[1][2]   -0.00242146 
_atom_sites.fract_transf_matrix[1][3]   0.01800965 
_atom_sites.fract_transf_matrix[2][1]   -0.00810325 
_atom_sites.fract_transf_matrix[2][2]   -0.01995794 
_atom_sites.fract_transf_matrix[2][3]   -0.00938511 
_atom_sites.fract_transf_matrix[3][1]   0.02812861 
_atom_sites.fract_transf_matrix[3][2]   -0.02103049 
_atom_sites.fract_transf_matrix[3][3]   0.02043579 
_atom_sites.fract_transf_vector[1]      0.235934 
_atom_sites.fract_transf_vector[2]      0.221948 
_atom_sites.fract_transf_vector[3]      0.095783 
# 
loop_
_atom_type.symbol 
C 
N 
O 
P 
# 
loop_
_atom_site.group_PDB 
_atom_site.id 
_atom_site.type_symbol 
_atom_site.label_atom_id 
_atom_site.label_alt_id 
_atom_site.label_comp_id 
_atom_site.label_asym_id 
_atom_site.label_entity_id 
_atom_site.label_seq_id 
_atom_site.pdbx_PDB_ins_code 
_atom_site.Cartn_x 
_atom_site.Cartn_y 
_atom_site.Cartn_z 
_atom_site.occupancy 
_atom_site.B_iso_or_equiv 
_atom_site.pdbx_formal_charge 
_atom_site.auth_seq_id 
_atom_site.auth_comp_id 
_atom_site.auth_asym_id 
_atom_site.auth_atom_id 
_atom_site.pdbx_PDB_model_num 
ATOM   1   O "O5'" . DG  A 1 1 ? 0.428  14.193  -1.405  1.00 22.25 ? 1  DG  A "O5'" 1 
ATOM   2   C "C5'" . DG  A 1 1 ? 1.511  14.949  -0.774  1.00 15.86 ? 1  DG  A "C5'" 1 
ATOM   3   C "C4'" . DG  A 1 1 ? 1.138  15.063  0.693   1.00 15.20 ? 1  DG  A "C4'" 1 
ATOM   4   O "O4'" . DG  A 1 1 ? -0.255 15.287  0.821   1.00 10.85 ? 1  DG  A "O4'" 1 
ATOM   5   C "C3'" . DG  A 1 1 ? 1.371  13.800  1.516   1.00 15.62 ? 1  DG  A "C3'" 1 
ATOM   6   O "O3'" . DG  A 1 1 ? 2.719  13.612  1.934   1.00 20.67 ? 1  DG  A "O3'" 1 
ATOM   7   C "C2'" . DG  A 1 1 ? 0.441  14.036  2.700   1.00 12.71 ? 1  DG  A "C2'" 1 
ATOM   8   C "C1'" . DG  A 1 1 ? -0.735 14.662  2.012   1.00 7.78  ? 1  DG  A "C1'" 1 
ATOM   9   N N9    . DG  A 1 1 ? -1.726 13.629  1.697   1.00 5.96  ? 1  DG  A N9    1 
ATOM   10  C C8    . DG  A 1 1 ? -2.160 13.178  0.495   1.00 5.64  ? 1  DG  A C8    1 
ATOM   11  N N7    . DG  A 1 1 ? -3.146 12.309  0.572   1.00 6.81  ? 1  DG  A N7    1 
ATOM   12  C C5    . DG  A 1 1 ? -3.394 12.195  1.935   1.00 8.61  ? 1  DG  A C5    1 
ATOM   13  C C6    . DG  A 1 1 ? -4.320 11.414  2.680   1.00 8.05  ? 1  DG  A C6    1 
ATOM   14  O O6    . DG  A 1 1 ? -5.150 10.593  2.244   1.00 11.41 ? 1  DG  A O6    1 
ATOM   15  N N1    . DG  A 1 1 ? -4.240 11.581  4.034   1.00 7.19  ? 1  DG  A N1    1 
ATOM   16  C C2    . DG  A 1 1 ? -3.362 12.455  4.605   1.00 5.46  ? 1  DG  A C2    1 
ATOM   17  N N2    . DG  A 1 1 ? -3.418 12.580  5.941   1.00 10.14 ? 1  DG  A N2    1 
ATOM   18  N N3    . DG  A 1 1 ? -2.486 13.187  3.963   1.00 5.15  ? 1  DG  A N3    1 
ATOM   19  C C4    . DG  A 1 1 ? -2.537 13.016  2.637   1.00 8.28  ? 1  DG  A C4    1 
ATOM   20  P P     . DT  A 1 2 ? 3.496  12.233  1.480   1.00 19.59 ? 2  DT  A P     1 
ATOM   21  O OP1   . DT  A 1 2 ? 4.895  12.718  1.252   1.00 20.41 ? 2  DT  A OP1   1 
ATOM   22  O OP2   . DT  A 1 2 ? 2.827  11.904  0.178   1.00 18.85 ? 2  DT  A OP2   1 
ATOM   23  O "O5'" . DT  A 1 2 ? 3.176  11.340  2.705   1.00 14.20 ? 2  DT  A "O5'" 1 
ATOM   24  C "C5'" . DT  A 1 2 ? 3.606  11.706  4.027   1.00 18.12 ? 2  DT  A "C5'" 1 
ATOM   25  C "C4'" . DT  A 1 2 ? 2.646  11.043  4.988   1.00 17.74 ? 2  DT  A "C4'" 1 
ATOM   26  O "O4'" . DT  A 1 2 ? 1.310  11.390  4.668   1.00 17.74 ? 2  DT  A "O4'" 1 
ATOM   27  C "C3'" . DT  A 1 2 ? 2.642  9.522   4.945   1.00 19.12 ? 2  DT  A "C3'" 1 
ATOM   28  O "O3'" . DT  A 1 2 ? 3.733  8.928   5.629   1.00 22.36 ? 2  DT  A "O3'" 1 
ATOM   29  C "C2'" . DT  A 1 2 ? 1.291  9.223   5.626   1.00 17.85 ? 2  DT  A "C2'" 1 
ATOM   30  C "C1'" . DT  A 1 2 ? 0.431  10.326  5.091   1.00 12.64 ? 2  DT  A "C1'" 1 
ATOM   31  N N1    . DT  A 1 2 ? -0.390 9.834   3.957   1.00 9.55  ? 2  DT  A N1    1 
ATOM   32  C C2    . DT  A 1 2 ? -1.596 9.251   4.320   1.00 7.45  ? 2  DT  A C2    1 
ATOM   33  O O2    . DT  A 1 2 ? -1.916 9.122   5.498   1.00 8.22  ? 2  DT  A O2    1 
ATOM   34  N N3    . DT  A 1 2 ? -2.415 8.833   3.319   1.00 8.01  ? 2  DT  A N3    1 
ATOM   35  C C4    . DT  A 1 2 ? -2.101 8.996   2.007   1.00 7.67  ? 2  DT  A C4    1 
ATOM   36  O O4    . DT  A 1 2 ? -2.962 8.578   1.167   1.00 10.46 ? 2  DT  A O4    1 
ATOM   37  C C5    . DT  A 1 2 ? -0.883 9.638   1.657   1.00 3.98  ? 2  DT  A C5    1 
ATOM   38  C C7    . DT  A 1 2 ? -0.522 9.805   0.201   1.00 3.03  ? 2  DT  A C7    1 
ATOM   39  C C6    . DT  A 1 2 ? -0.086 10.031  2.647   1.00 5.06  ? 2  DT  A C6    1 
ATOM   40  P P     . DC  A 1 3 ? 4.382  7.616   5.013   1.00 28.15 ? 3  DC  A P     1 
ATOM   41  O OP1   . DC  A 1 3 ? 5.859  7.779   5.041   1.00 29.35 ? 3  DC  A OP1   1 
ATOM   42  O OP2   . DC  A 1 3 ? 3.751  7.580   3.652   1.00 27.97 ? 3  DC  A OP2   1 
ATOM   43  O "O5'" . DC  A 1 3 ? 3.883  6.437   5.957   1.00 22.68 ? 3  DC  A "O5'" 1 
ATOM   44  C "C5'" . DC  A 1 3 ? 2.448  6.428   5.968   1.00 24.92 ? 3  DC  A "C5'" 1 
ATOM   45  C "C4'" . DC  A 1 3 ? 1.963  5.412   6.969   1.00 23.08 ? 3  DC  A "C4'" 1 
ATOM   46  O "O4'" . DC  A 1 3 ? 0.581  5.693   7.141   1.00 27.27 ? 3  DC  A "O4'" 1 
ATOM   47  C "C3'" . DC  A 1 3 ? 2.077  3.971   6.559   1.00 23.43 ? 3  DC  A "C3'" 1 
ATOM   48  O "O3'" . DC  A 1 3 ? 2.911  3.192   7.443   1.00 25.54 ? 3  DC  A "O3'" 1 
ATOM   49  C "C2'" . DC  A 1 3 ? 0.657  3.417   6.586   1.00 25.72 ? 3  DC  A "C2'" 1 
ATOM   50  C "C1'" . DC  A 1 3 ? -0.196 4.659   6.537   1.00 22.89 ? 3  DC  A "C1'" 1 
ATOM   51  N N1    . DC  A 1 3 ? -0.504 4.972   5.136   1.00 20.44 ? 3  DC  A N1    1 
ATOM   52  C C2    . DC  A 1 3 ? -1.685 4.440   4.643   1.00 19.82 ? 3  DC  A C2    1 
ATOM   53  O O2    . DC  A 1 3 ? -2.395 3.766   5.381   1.00 19.34 ? 3  DC  A O2    1 
ATOM   54  N N3    . DC  A 1 3 ? -1.989 4.708   3.345   1.00 20.88 ? 3  DC  A N3    1 
ATOM   55  C C4    . DC  A 1 3 ? -1.161 5.435   2.533   1.00 22.27 ? 3  DC  A C4    1 
ATOM   56  N N4    . DC  A 1 3 ? -1.510 5.665   1.259   1.00 21.02 ? 3  DC  A N4    1 
ATOM   57  C C5    . DC  A 1 3 ? 0.052  5.959   3.058   1.00 22.07 ? 3  DC  A C5    1 
ATOM   58  C C6    . DC  A 1 3 ? 0.327  5.706   4.351   1.00 20.93 ? 3  DC  A C6    1 
ATOM   59  P P     . DT  A 1 4 ? 3.167  1.651   7.026   1.00 26.13 ? 4  DT  A P     1 
ATOM   60  O OP1   . DT  A 1 4 ? 4.087  1.079   8.043   1.00 32.53 ? 4  DT  A OP1   1 
ATOM   61  O OP2   . DT  A 1 4 ? 3.753  1.841   5.626   1.00 25.37 ? 4  DT  A OP2   1 
ATOM   62  O "O5'" . DT  A 1 4 ? 1.795  0.910   7.025   1.00 17.95 ? 4  DT  A "O5'" 1 
ATOM   63  C "C5'" . DT  A 1 4 ? 0.973  0.563   8.142   1.00 15.14 ? 4  DT  A "C5'" 1 
ATOM   64  C "C4'" . DT  A 1 4 ? -0.202 -0.201  7.545   1.00 15.44 ? 4  DT  A "C4'" 1 
ATOM   65  O "O4'" . DT  A 1 4 ? -0.926 0.663   6.705   1.00 16.75 ? 4  DT  A "O4'" 1 
ATOM   66  C "C3'" . DT  A 1 4 ? 0.165  -1.371  6.647   1.00 14.00 ? 4  DT  A "C3'" 1 
ATOM   67  O "O3'" . DT  A 1 4 ? 0.490  -2.542  7.374   1.00 18.73 ? 4  DT  A "O3'" 1 
ATOM   68  C "C2'" . DT  A 1 4 ? -1.098 -1.548  5.822   1.00 15.19 ? 4  DT  A "C2'" 1 
ATOM   69  C "C1'" . DT  A 1 4 ? -1.595 -0.146  5.688   1.00 15.15 ? 4  DT  A "C1'" 1 
ATOM   70  N N1    . DT  A 1 4 ? -1.278 0.429   4.374   1.00 13.97 ? 4  DT  A N1    1 
ATOM   71  C C2    . DT  A 1 4 ? -2.204 0.258   3.363   1.00 13.15 ? 4  DT  A C2    1 
ATOM   72  O O2    . DT  A 1 4 ? -3.201 -0.412  3.581   1.00 13.53 ? 4  DT  A O2    1 
ATOM   73  N N3    . DT  A 1 4 ? -1.934 0.842   2.154   1.00 11.60 ? 4  DT  A N3    1 
ATOM   74  C C4    . DT  A 1 4 ? -0.806 1.567   1.930   1.00 11.54 ? 4  DT  A C4    1 
ATOM   75  O O4    . DT  A 1 4 ? -0.666 2.071   0.769   1.00 13.43 ? 4  DT  A O4    1 
ATOM   76  C C5    . DT  A 1 4 ? 0.137  1.745   2.983   1.00 12.09 ? 4  DT  A C5    1 
ATOM   77  C C7    . DT  A 1 4 ? 1.392  2.549   2.813   1.00 7.58  ? 4  DT  A C7    1 
ATOM   78  C C6    . DT  A 1 4 ? -0.147 1.181   4.173   1.00 14.34 ? 4  DT  A C6    1 
ATOM   79  P P     . DA  A 1 5 ? 1.273  -3.769  6.741   1.00 27.61 ? 5  DA  A P     1 
ATOM   80  O OP1   . DA  A 1 5 ? 1.873  -4.640  7.798   1.00 22.02 ? 5  DA  A OP1   1 
ATOM   81  O OP2   . DA  A 1 5 ? 2.120  -3.245  5.618   1.00 14.47 ? 5  DA  A OP2   1 
ATOM   82  O "O5'" . DA  A 1 5 ? 0.046  -4.656  6.117   1.00 19.11 ? 5  DA  A "O5'" 1 
ATOM   83  C "C5'" . DA  A 1 5 ? 0.389  -4.936  4.720   1.00 12.04 ? 5  DA  A "C5'" 1 
ATOM   84  C "C4'" . DA  A 1 5 ? -0.955 -5.326  4.133   1.00 11.89 ? 5  DA  A "C4'" 1 
ATOM   85  O "O4'" . DA  A 1 5 ? -1.717 -4.172  3.914   1.00 12.02 ? 5  DA  A "O4'" 1 
ATOM   86  C "C3'" . DA  A 1 5 ? -0.816 -6.033  2.798   1.00 11.99 ? 5  DA  A "C3'" 1 
ATOM   87  O "O3'" . DA  A 1 5 ? -0.791 -7.439  2.996   1.00 18.44 ? 5  DA  A "O3'" 1 
ATOM   88  C "C2'" . DA  A 1 5 ? -2.042 -5.570  2.041   1.00 12.81 ? 5  DA  A "C2'" 1 
ATOM   89  C "C1'" . DA  A 1 5 ? -2.241 -4.169  2.592   1.00 8.63  ? 5  DA  A "C1'" 1 
ATOM   90  N N9    . DA  A 1 5 ? -1.561 -3.222  1.705   1.00 6.64  ? 5  DA  A N9    1 
ATOM   91  C C8    . DA  A 1 5 ? -0.431 -2.502  1.915   1.00 4.88  ? 5  DA  A C8    1 
ATOM   92  N N7    . DA  A 1 5 ? -0.092 -1.748  0.893   1.00 7.15  ? 5  DA  A N7    1 
ATOM   93  C C5    . DA  A 1 5 ? -1.106 -1.969  -0.043  1.00 5.96  ? 5  DA  A C5    1 
ATOM   94  C C6    . DA  A 1 5 ? -1.322 -1.432  -1.337  1.00 6.23  ? 5  DA  A C6    1 
ATOM   95  N N6    . DA  A 1 5 ? -0.541 -0.517  -1.902  1.00 5.89  ? 5  DA  A N6    1 
ATOM   96  N N1    . DA  A 1 5 ? -2.438 -1.886  -1.966  1.00 3.00  ? 5  DA  A N1    1 
ATOM   97  C C2    . DA  A 1 5 ? -3.272 -2.774  -1.360  1.00 7.72  ? 5  DA  A C2    1 
ATOM   98  N N3    . DA  A 1 5 ? -3.141 -3.313  -0.146  1.00 4.19  ? 5  DA  A N3    1 
ATOM   99  C C4    . DA  A 1 5 ? -2.028 -2.859  0.452   1.00 5.64  ? 5  DA  A C4    1 
ATOM   100 P P     . DG  A 1 6 ? -0.278 -8.420  1.828   1.00 12.38 ? 6  DG  A P     1 
ATOM   101 O OP1   . DG  A 1 6 ? -0.272 -9.728  2.484   1.00 19.19 ? 6  DG  A OP1   1 
ATOM   102 O OP2   . DG  A 1 6 ? 0.994  -7.817  1.441   1.00 19.23 ? 6  DG  A OP2   1 
ATOM   103 O "O5'" . DG  A 1 6 ? -1.440 -8.165  0.764   1.00 17.14 ? 6  DG  A "O5'" 1 
ATOM   104 C "C5'" . DG  A 1 6 ? -2.324 -9.220  0.317   1.00 15.41 ? 6  DG  A "C5'" 1 
ATOM   105 C "C4'" . DG  A 1 6 ? -3.013 -8.707  -0.922  1.00 13.87 ? 6  DG  A "C4'" 1 
ATOM   106 O "O4'" . DG  A 1 6 ? -2.996 -7.284  -0.905  1.00 13.41 ? 6  DG  A "O4'" 1 
ATOM   107 C "C3'" . DG  A 1 6 ? -2.373 -9.041  -2.259  1.00 14.92 ? 6  DG  A "C3'" 1 
ATOM   108 O "O3'" . DG  A 1 6 ? -2.602 -10.369 -2.709  1.00 13.67 ? 6  DG  A "O3'" 1 
ATOM   109 C "C2'" . DG  A 1 6 ? -3.049 -8.021  -3.191  1.00 10.87 ? 6  DG  A "C2'" 1 
ATOM   110 C "C1'" . DG  A 1 6 ? -3.135 -6.839  -2.286  1.00 10.44 ? 6  DG  A "C1'" 1 
ATOM   111 N N9    . DG  A 1 6 ? -2.018 -5.915  -2.467  1.00 8.54  ? 6  DG  A N9    1 
ATOM   112 C C8    . DG  A 1 6 ? -1.075 -5.682  -1.505  1.00 9.12  ? 6  DG  A C8    1 
ATOM   113 N N7    . DG  A 1 6 ? -0.214 -4.748  -1.861  1.00 13.90 ? 6  DG  A N7    1 
ATOM   114 C C5    . DG  A 1 6 ? -0.635 -4.361  -3.129  1.00 8.41  ? 6  DG  A C5    1 
ATOM   115 C C6    . DG  A 1 6 ? -0.097 -3.418  -4.034  1.00 9.70  ? 6  DG  A C6    1 
ATOM   116 O O6    . DG  A 1 6 ? 0.913  -2.715  -3.865  1.00 10.74 ? 6  DG  A O6    1 
ATOM   117 N N1    . DG  A 1 6 ? -0.810 -3.325  -5.212  1.00 9.85  ? 6  DG  A N1    1 
ATOM   118 C C2    . DG  A 1 6 ? -1.910 -4.077  -5.467  1.00 3.88  ? 6  DG  A C2    1 
ATOM   119 N N2    . DG  A 1 6 ? -2.462 -3.888  -6.659  1.00 7.71  ? 6  DG  A N2    1 
ATOM   120 N N3    . DG  A 1 6 ? -2.450 -4.971  -4.645  1.00 6.92  ? 6  DG  A N3    1 
ATOM   121 C C4    . DG  A 1 6 ? -1.749 -5.076  -3.502  1.00 8.28  ? 6  DG  A C4    1 
ATOM   122 P P     . DA  A 1 7 ? -1.214 -11.061 -3.192  1.00 11.52 ? 7  DA  A P     1 
ATOM   123 O OP1   . DA  A 1 7 ? -1.608 -12.505 -3.158  1.00 18.21 ? 7  DA  A OP1   1 
ATOM   124 O OP2   . DA  A 1 7 ? -0.229 -10.595 -2.283  1.00 11.92 ? 7  DA  A OP2   1 
ATOM   125 O "O5'" . DA  A 1 7 ? -1.072 -10.471 -4.696  1.00 8.91  ? 7  DA  A "O5'" 1 
ATOM   126 C "C5'" . DA  A 1 7 ? -2.235 -10.790 -5.517  1.00 6.45  ? 7  DA  A "C5'" 1 
ATOM   127 C "C4'" . DA  A 1 7 ? -2.137 -9.935  -6.748  1.00 3.39  ? 7  DA  A "C4'" 1 
ATOM   128 O "O4'" . DA  A 1 7 ? -2.169 -8.563  -6.423  1.00 5.79  ? 7  DA  A "O4'" 1 
ATOM   129 C "C3'" . DA  A 1 7 ? -0.830 -10.108 -7.522  1.00 3.85  ? 7  DA  A "C3'" 1 
ATOM   130 O "O3'" . DA  A 1 7 ? -0.880 -11.297 -8.252  1.00 7.81  ? 7  DA  A "O3'" 1 
ATOM   131 C "C2'" . DA  A 1 7 ? -0.822 -8.828  -8.354  1.00 5.70  ? 7  DA  A "C2'" 1 
ATOM   132 C "C1'" . DA  A 1 7 ? -1.369 -7.839  -7.386  1.00 3.87  ? 7  DA  A "C1'" 1 
ATOM   133 N N9    . DA  A 1 7 ? -0.299 -7.189  -6.623  1.00 4.66  ? 7  DA  A N9    1 
ATOM   134 C C8    . DA  A 1 7 ? 0.040  -7.439  -5.317  1.00 6.62  ? 7  DA  A C8    1 
ATOM   135 N N7    . DA  A 1 7 ? 1.055  -6.723  -4.882  1.00 2.28  ? 7  DA  A N7    1 
ATOM   136 C C5    . DA  A 1 7 ? 1.353  -5.907  -5.968  1.00 1.74  ? 7  DA  A C5    1 
ATOM   137 C C6    . DA  A 1 7 ? 2.316  -4.900  -6.131  1.00 4.78  ? 7  DA  A C6    1 
ATOM   138 N N6    . DA  A 1 7 ? 3.156  -4.546  -5.166  1.00 9.36  ? 7  DA  A N6    1 
ATOM   139 N N1    . DA  A 1 7 ? 2.344  -4.314  -7.356  1.00 5.07  ? 7  DA  A N1    1 
ATOM   140 C C2    . DA  A 1 7 ? 1.507  -4.695  -8.348  1.00 4.94  ? 7  DA  A C2    1 
ATOM   141 N N3    . DA  A 1 7 ? 0.588  -5.671  -8.274  1.00 4.89  ? 7  DA  A N3    1 
ATOM   142 C C4    . DA  A 1 7 ? 0.549  -6.202  -7.045  1.00 4.26  ? 7  DA  A C4    1 
ATOM   143 P P     . DC  A 1 8 ? 0.257  -12.064 -9.019  1.00 14.05 ? 8  DC  A P     1 
ATOM   144 O OP1   . DC  A 1 8 ? -0.456 -13.403 -9.416  1.00 18.27 ? 8  DC  A OP1   1 
ATOM   145 O OP2   . DC  A 1 8 ? 1.329  -12.194 -8.039  1.00 16.14 ? 8  DC  A OP2   1 
ATOM   146 O "O5'" . DC  A 1 8 ? 0.599  -11.258 -10.294 1.00 10.49 ? 8  DC  A "O5'" 1 
ATOM   147 C "C5'" . DC  A 1 8 ? 0.662  -9.791  -10.283 1.00 14.57 ? 8  DC  A "C5'" 1 
ATOM   148 C "C4'" . DC  A 1 8 ? 1.087  -9.503  -11.720 1.00 15.98 ? 8  DC  A "C4'" 1 
ATOM   149 O "O4'" . DC  A 1 8 ? 1.706  -8.266  -11.902 1.00 17.74 ? 8  DC  A "O4'" 1 
ATOM   150 C "C3'" . DC  A 1 8 ? 2.109  -10.555 -12.165 1.00 15.68 ? 8  DC  A "C3'" 1 
ATOM   151 O "O3'" . DC  A 1 8 ? 1.698  -11.051 -13.453 1.00 23.46 ? 8  DC  A "O3'" 1 
ATOM   152 C "C2'" . DC  A 1 8 ? 3.421  -9.839  -12.083 1.00 14.98 ? 8  DC  A "C2'" 1 
ATOM   153 C "C1'" . DC  A 1 8 ? 3.123  -8.426  -11.678 1.00 13.74 ? 8  DC  A "C1'" 1 
ATOM   154 N N1    . DC  A 1 8 ? 3.453  -8.171  -10.255 1.00 14.40 ? 8  DC  A N1    1 
ATOM   155 C C2    . DC  A 1 8 ? 4.183  -7.028  -9.981  1.00 13.07 ? 8  DC  A C2    1 
ATOM   156 O O2    . DC  A 1 8 ? 4.573  -6.274  -10.867 1.00 14.67 ? 8  DC  A O2    1 
ATOM   157 N N3    . DC  A 1 8 ? 4.478  -6.742  -8.682  1.00 12.98 ? 8  DC  A N3    1 
ATOM   158 C C4    . DC  A 1 8 ? 4.117  -7.586  -7.673  1.00 13.43 ? 8  DC  A C4    1 
ATOM   159 N N4    . DC  A 1 8 ? 4.503  -7.266  -6.439  1.00 12.91 ? 8  DC  A N4    1 
ATOM   160 C C5    . DC  A 1 8 ? 3.362  -8.760  -7.966  1.00 12.96 ? 8  DC  A C5    1 
ATOM   161 C C6    . DC  A 1 8 ? 3.060  -9.008  -9.244  1.00 10.13 ? 8  DC  A C6    1 
HETATM 162 O O     . HOH B 2 . ? -5.416 -5.069  0.767   1.00 14.98 ? 9  HOH A O     1 
HETATM 163 O O     . HOH B 2 . ? 4.727  3.300   10.292  1.00 22.76 ? 10 HOH A O     1 
HETATM 164 O O     . HOH B 2 . ? -2.044 -3.629  6.825   1.00 57.46 ? 11 HOH A O     1 
# 
